data_8W46
#
_entry.id   8W46
#
_cell.length_a   43.055
_cell.length_b   84.753
_cell.length_c   63.534
_cell.angle_alpha   90.00
_cell.angle_beta   90.00
_cell.angle_gamma   90.00
#
_symmetry.space_group_name_H-M   'P 21 21 2'
#
loop_
_entity.id
_entity.type
_entity.pdbx_description
1 polymer Transthyretin
2 non-polymer Pterostilbene
3 non-polymer 'SODIUM ION'
4 water water
#
_entity_poly.entity_id   1
_entity_poly.type   'polypeptide(L)'
_entity_poly.pdbx_seq_one_letter_code
;MRGSHHHHHHGSMASHRLLLLCLAGLVFVSEAGPTGTGESKCPLMVKVLDAVRGSPAINVAMHVFRKAADDTWEPFASGK
TSESGELHGLTTEEEFVEGIYKVEIDTKSYWKALGISPFHEHAEVVFTANDSGPRRYTIAALLSPYSYSTTAVVTNPKE
;
_entity_poly.pdbx_strand_id   A,B
#
loop_
_chem_comp.id
_chem_comp.type
_chem_comp.name
_chem_comp.formula
3RL non-polymer Pterostilbene 'C16 H16 O3'
NA non-polymer 'SODIUM ION' 'Na 1'
#
# COMPACT_ATOMS: atom_id res chain seq x y z
N CYS A 42 -17.47 -14.76 -8.49
CA CYS A 42 -16.40 -13.77 -8.52
C CYS A 42 -15.66 -13.75 -7.19
N PRO A 43 -14.54 -14.49 -7.13
CA PRO A 43 -13.79 -14.57 -5.86
C PRO A 43 -12.95 -13.34 -5.54
N LEU A 44 -12.70 -12.46 -6.50
CA LEU A 44 -11.87 -11.28 -6.25
C LEU A 44 -12.45 -10.12 -7.04
N MET A 45 -12.79 -9.03 -6.33
CA MET A 45 -13.32 -7.84 -6.98
C MET A 45 -12.63 -6.63 -6.34
N VAL A 46 -12.36 -5.60 -7.14
CA VAL A 46 -11.74 -4.39 -6.66
C VAL A 46 -12.61 -3.20 -7.03
N LYS A 47 -12.84 -2.31 -6.06
CA LYS A 47 -13.64 -1.11 -6.26
C LYS A 47 -12.80 0.10 -5.89
N VAL A 48 -12.80 1.12 -6.74
CA VAL A 48 -11.96 2.30 -6.56
C VAL A 48 -12.82 3.55 -6.64
N LEU A 49 -12.66 4.44 -5.66
CA LEU A 49 -13.41 5.69 -5.54
C LEU A 49 -12.45 6.89 -5.53
N ASP A 50 -12.93 8.00 -6.06
CA ASP A 50 -12.16 9.24 -6.18
C ASP A 50 -12.71 10.23 -5.14
N ALA A 51 -11.88 10.58 -4.16
CA ALA A 51 -12.27 11.47 -3.07
C ALA A 51 -12.20 12.95 -3.43
N VAL A 52 -11.61 13.31 -4.57
CA VAL A 52 -11.56 14.69 -5.02
C VAL A 52 -12.81 15.05 -5.79
N ARG A 53 -13.26 14.15 -6.66
CA ARG A 53 -14.37 14.43 -7.54
C ARG A 53 -15.69 13.84 -7.06
N GLY A 54 -15.66 12.95 -6.07
CA GLY A 54 -16.89 12.35 -5.56
C GLY A 54 -17.51 11.43 -6.59
N SER A 55 -16.70 10.54 -7.15
CA SER A 55 -17.13 9.70 -8.25
C SER A 55 -16.42 8.37 -8.12
N PRO A 56 -16.91 7.32 -8.78
CA PRO A 56 -16.05 6.16 -9.01
C PRO A 56 -14.80 6.61 -9.74
N ALA A 57 -13.71 5.90 -9.48
CA ALA A 57 -12.47 6.11 -10.24
C ALA A 57 -12.53 5.18 -11.45
N ILE A 58 -12.74 5.76 -12.63
CA ILE A 58 -13.02 5.03 -13.86
C ILE A 58 -11.73 4.83 -14.64
N ASN A 59 -11.60 3.68 -15.31
CA ASN A 59 -10.46 3.40 -16.18
C ASN A 59 -9.14 3.34 -15.42
N VAL A 60 -9.17 2.91 -14.17
CA VAL A 60 -7.97 2.75 -13.37
C VAL A 60 -7.40 1.36 -13.65
N ALA A 61 -6.15 1.31 -14.09
CA ALA A 61 -5.47 0.04 -14.35
C ALA A 61 -4.95 -0.56 -13.06
N MET A 62 -4.97 -1.89 -12.98
CA MET A 62 -4.32 -2.56 -11.87
C MET A 62 -3.80 -3.92 -12.31
N HIS A 63 -2.74 -4.35 -11.64
CA HIS A 63 -2.13 -5.64 -11.89
C HIS A 63 -2.12 -6.45 -10.60
N VAL A 64 -2.45 -7.73 -10.71
CA VAL A 64 -2.45 -8.66 -9.58
C VAL A 64 -1.30 -9.63 -9.78
N PHE A 65 -0.54 -9.87 -8.72
CA PHE A 65 0.58 -10.78 -8.71
C PHE A 65 0.37 -11.80 -7.61
N ARG A 66 1.00 -12.96 -7.77
CA ARG A 66 0.98 -14.02 -6.77
C ARG A 66 2.42 -14.43 -6.48
N LYS A 67 2.76 -14.56 -5.21
CA LYS A 67 4.13 -14.91 -4.85
C LYS A 67 4.41 -16.37 -5.25
N ALA A 68 5.49 -16.57 -6.01
CA ALA A 68 5.88 -17.89 -6.47
C ALA A 68 6.74 -18.60 -5.42
N ALA A 69 7.06 -19.87 -5.72
CA ALA A 69 7.84 -20.68 -4.79
C ALA A 69 9.23 -20.10 -4.55
N ASP A 70 9.79 -19.39 -5.54
CA ASP A 70 11.09 -18.77 -5.40
C ASP A 70 11.02 -17.37 -4.80
N ASP A 71 9.87 -16.99 -4.24
CA ASP A 71 9.62 -15.69 -3.60
C ASP A 71 9.55 -14.51 -4.56
N THR A 72 9.47 -14.76 -5.86
CA THR A 72 9.25 -13.67 -6.80
C THR A 72 7.75 -13.47 -7.04
N TRP A 73 7.40 -12.29 -7.55
CA TRP A 73 6.01 -11.95 -7.86
C TRP A 73 5.70 -12.38 -9.29
N GLU A 74 4.83 -13.36 -9.44
CA GLU A 74 4.42 -13.82 -10.77
C GLU A 74 3.13 -13.12 -11.20
N PRO A 75 3.01 -12.73 -12.46
CA PRO A 75 1.76 -12.13 -12.93
C PRO A 75 0.59 -13.10 -12.75
N PHE A 76 -0.53 -12.56 -12.26
CA PHE A 76 -1.72 -13.38 -12.00
C PHE A 76 -2.92 -12.92 -12.81
N ALA A 77 -3.20 -11.61 -12.84
CA ALA A 77 -4.33 -11.07 -13.58
C ALA A 77 -4.17 -9.56 -13.65
N SER A 78 -4.91 -8.94 -14.56
CA SER A 78 -4.92 -7.48 -14.64
C SER A 78 -6.20 -7.03 -15.31
N GLY A 79 -6.49 -5.74 -15.17
CA GLY A 79 -7.68 -5.17 -15.78
C GLY A 79 -7.79 -3.70 -15.45
N LYS A 80 -8.90 -3.11 -15.86
CA LYS A 80 -9.20 -1.70 -15.61
C LYS A 80 -10.59 -1.57 -15.02
N THR A 81 -10.78 -0.60 -14.14
CA THR A 81 -12.11 -0.37 -13.56
C THR A 81 -13.09 0.16 -14.59
N SER A 82 -14.35 -0.22 -14.41
CA SER A 82 -15.45 0.17 -15.27
C SER A 82 -15.95 1.57 -14.91
N GLU A 83 -17.03 1.98 -15.56
CA GLU A 83 -17.69 3.24 -15.25
C GLU A 83 -18.21 3.30 -13.81
N SER A 84 -18.40 2.14 -13.17
CA SER A 84 -18.81 2.10 -11.78
C SER A 84 -17.63 2.03 -10.83
N GLY A 85 -16.40 2.10 -11.34
CA GLY A 85 -15.23 2.00 -10.50
C GLY A 85 -14.88 0.61 -10.08
N GLU A 86 -15.50 -0.41 -10.68
CA GLU A 86 -15.34 -1.79 -10.26
C GLU A 86 -14.60 -2.60 -11.33
N LEU A 87 -13.83 -3.57 -10.87
CA LEU A 87 -13.16 -4.52 -11.76
C LEU A 87 -13.57 -5.90 -11.29
N HIS A 88 -14.35 -6.58 -12.12
CA HIS A 88 -14.82 -7.93 -11.90
C HIS A 88 -14.11 -8.87 -12.86
N GLY A 89 -14.24 -10.17 -12.60
CA GLY A 89 -13.76 -11.16 -13.53
C GLY A 89 -12.25 -11.37 -13.57
N LEU A 90 -11.53 -10.91 -12.54
CA LEU A 90 -10.08 -11.09 -12.53
C LEU A 90 -9.68 -12.56 -12.52
N THR A 91 -10.43 -13.40 -11.79
CA THR A 91 -10.03 -14.79 -11.61
C THR A 91 -11.27 -15.66 -11.43
N THR A 92 -11.02 -16.95 -11.20
CA THR A 92 -12.05 -17.96 -11.00
C THR A 92 -11.74 -18.69 -9.71
N GLU A 93 -12.74 -19.41 -9.19
CA GLU A 93 -12.50 -20.17 -7.95
C GLU A 93 -11.41 -21.20 -8.14
N GLU A 94 -11.34 -21.82 -9.33
CA GLU A 94 -10.34 -22.86 -9.56
C GLU A 94 -8.93 -22.28 -9.60
N GLU A 95 -8.78 -21.10 -10.22
CA GLU A 95 -7.46 -20.50 -10.40
C GLU A 95 -6.96 -19.79 -9.14
N PHE A 96 -7.88 -19.34 -8.29
CA PHE A 96 -7.55 -18.49 -7.14
C PHE A 96 -7.23 -19.37 -5.93
N VAL A 97 -6.08 -20.01 -5.99
CA VAL A 97 -5.60 -20.92 -4.97
C VAL A 97 -5.05 -20.16 -3.77
N GLU A 98 -4.75 -20.89 -2.68
CA GLU A 98 -3.99 -20.31 -1.57
C GLU A 98 -2.75 -19.61 -2.09
N GLY A 99 -2.41 -18.50 -1.46
CA GLY A 99 -1.15 -17.85 -1.76
C GLY A 99 -1.14 -16.45 -1.19
N ILE A 100 -0.01 -15.79 -1.41
CA ILE A 100 0.15 -14.38 -1.09
C ILE A 100 -0.03 -13.61 -2.38
N TYR A 101 -0.97 -12.67 -2.39
CA TYR A 101 -1.32 -11.91 -3.58
C TYR A 101 -1.03 -10.44 -3.36
N LYS A 102 -0.68 -9.75 -4.43
CA LYS A 102 -0.47 -8.32 -4.41
C LYS A 102 -1.30 -7.68 -5.51
N VAL A 103 -2.12 -6.71 -5.13
CA VAL A 103 -2.84 -5.89 -6.10
C VAL A 103 -2.14 -4.53 -6.14
N GLU A 104 -1.66 -4.15 -7.33
CA GLU A 104 -0.99 -2.88 -7.54
C GLU A 104 -1.90 -2.02 -8.42
N ILE A 105 -2.45 -0.97 -7.84
CA ILE A 105 -3.41 -0.10 -8.53
C ILE A 105 -2.65 1.11 -9.05
N ASP A 106 -2.74 1.37 -10.36
CA ASP A 106 -1.97 2.44 -10.99
C ASP A 106 -2.65 3.78 -10.75
N THR A 107 -2.52 4.26 -9.51
CA THR A 107 -3.10 5.54 -9.13
C THR A 107 -2.37 6.72 -9.78
N LYS A 108 -1.07 6.56 -10.06
CA LYS A 108 -0.31 7.66 -10.62
C LYS A 108 -0.83 8.06 -11.99
N SER A 109 -1.06 7.09 -12.87
CA SER A 109 -1.59 7.42 -14.20
C SER A 109 -2.98 8.03 -14.11
N TYR A 110 -3.78 7.59 -13.16
CA TYR A 110 -5.11 8.14 -12.98
C TYR A 110 -5.04 9.63 -12.67
N TRP A 111 -4.22 10.02 -11.68
CA TRP A 111 -4.13 11.43 -11.33
C TRP A 111 -3.48 12.25 -12.44
N LYS A 112 -2.43 11.71 -13.07
CA LYS A 112 -1.75 12.45 -14.13
C LYS A 112 -2.71 12.77 -15.28
N ALA A 113 -3.61 11.85 -15.61
CA ALA A 113 -4.57 12.12 -16.69
C ALA A 113 -5.52 13.26 -16.32
N LEU A 114 -5.74 13.48 -15.03
CA LEU A 114 -6.53 14.60 -14.56
C LEU A 114 -5.68 15.85 -14.34
N GLY A 115 -4.42 15.84 -14.77
CA GLY A 115 -3.55 16.99 -14.62
C GLY A 115 -3.00 17.19 -13.23
N ILE A 116 -3.01 16.16 -12.39
CA ILE A 116 -2.55 16.25 -11.02
C ILE A 116 -1.27 15.42 -10.88
N SER A 117 -0.29 15.99 -10.19
CA SER A 117 0.95 15.27 -9.88
C SER A 117 0.79 14.67 -8.50
N PRO A 118 0.55 13.37 -8.39
CA PRO A 118 0.23 12.76 -7.09
C PRO A 118 1.49 12.31 -6.37
N PHE A 119 1.29 11.90 -5.12
CA PHE A 119 2.41 11.48 -4.28
C PHE A 119 2.86 10.04 -4.59
N HIS A 120 1.93 9.10 -4.63
CA HIS A 120 2.26 7.69 -4.69
C HIS A 120 2.49 7.21 -6.12
N GLU A 121 3.38 6.23 -6.27
CA GLU A 121 3.52 5.56 -7.56
C GLU A 121 2.31 4.69 -7.86
N HIS A 122 1.76 4.06 -6.83
CA HIS A 122 0.61 3.19 -6.95
C HIS A 122 0.08 2.97 -5.54
N ALA A 123 -1.09 2.35 -5.44
CA ALA A 123 -1.62 1.88 -4.18
C ALA A 123 -1.53 0.37 -4.21
N GLU A 124 -0.94 -0.21 -3.16
CA GLU A 124 -0.67 -1.65 -3.13
C GLU A 124 -1.47 -2.28 -2.00
N VAL A 125 -1.94 -3.51 -2.23
CA VAL A 125 -2.61 -4.33 -1.24
C VAL A 125 -1.99 -5.72 -1.31
N VAL A 126 -1.37 -6.18 -0.21
CA VAL A 126 -0.69 -7.47 -0.17
C VAL A 126 -1.33 -8.31 0.93
N PHE A 127 -1.77 -9.51 0.59
CA PHE A 127 -2.56 -10.31 1.54
C PHE A 127 -2.44 -11.80 1.22
N THR A 128 -2.56 -12.61 2.27
CA THR A 128 -2.72 -14.04 2.09
C THR A 128 -4.19 -14.35 1.81
N ALA A 129 -4.44 -15.18 0.80
CA ALA A 129 -5.80 -15.53 0.43
C ALA A 129 -6.02 -17.03 0.55
N ASN A 130 -7.24 -17.40 0.96
CA ASN A 130 -7.74 -18.78 0.95
C ASN A 130 -6.96 -19.70 1.87
N ASP A 131 -6.33 -19.12 2.90
CA ASP A 131 -5.60 -19.87 3.92
C ASP A 131 -6.43 -21.02 4.50
N SER A 132 -7.70 -20.75 4.79
CA SER A 132 -8.58 -21.70 5.46
C SER A 132 -9.72 -22.13 4.55
N GLY A 133 -9.45 -22.22 3.25
CA GLY A 133 -10.47 -22.58 2.31
C GLY A 133 -10.88 -21.38 1.49
N PRO A 134 -11.68 -21.60 0.45
CA PRO A 134 -12.02 -20.51 -0.47
C PRO A 134 -12.82 -19.42 0.23
N ARG A 135 -12.47 -18.18 -0.08
CA ARG A 135 -13.22 -17.02 0.36
C ARG A 135 -13.41 -16.08 -0.83
N ARG A 136 -14.37 -15.18 -0.71
CA ARG A 136 -14.58 -14.11 -1.68
C ARG A 136 -14.03 -12.82 -1.10
N TYR A 137 -13.25 -12.10 -1.89
CA TYR A 137 -12.55 -10.90 -1.45
C TYR A 137 -13.03 -9.71 -2.26
N THR A 138 -13.45 -8.65 -1.57
CA THR A 138 -13.65 -7.34 -2.19
C THR A 138 -12.63 -6.38 -1.60
N ILE A 139 -11.82 -5.78 -2.45
CA ILE A 139 -10.85 -4.77 -2.04
C ILE A 139 -11.40 -3.43 -2.50
N ALA A 140 -11.51 -2.49 -1.57
CA ALA A 140 -11.95 -1.14 -1.90
C ALA A 140 -10.83 -0.17 -1.61
N ALA A 141 -10.64 0.79 -2.51
CA ALA A 141 -9.61 1.82 -2.38
C ALA A 141 -10.24 3.18 -2.60
N LEU A 142 -9.95 4.12 -1.71
CA LEU A 142 -10.41 5.50 -1.81
C LEU A 142 -9.17 6.36 -2.05
N LEU A 143 -9.17 7.13 -3.14
CA LEU A 143 -7.98 7.81 -3.63
C LEU A 143 -8.08 9.32 -3.50
N SER A 144 -6.99 9.94 -3.02
CA SER A 144 -6.73 11.37 -3.10
C SER A 144 -5.29 11.54 -3.60
N PRO A 145 -4.93 12.73 -4.09
CA PRO A 145 -3.59 12.88 -4.66
C PRO A 145 -2.45 12.55 -3.71
N TYR A 146 -2.57 12.84 -2.40
CA TYR A 146 -1.51 12.56 -1.44
C TYR A 146 -1.89 11.50 -0.42
N SER A 147 -2.95 10.73 -0.67
CA SER A 147 -3.43 9.80 0.34
C SER A 147 -4.23 8.69 -0.32
N TYR A 148 -4.19 7.51 0.27
CA TYR A 148 -5.16 6.50 -0.10
C TYR A 148 -5.53 5.66 1.12
N SER A 149 -6.73 5.10 1.07
CA SER A 149 -7.30 4.29 2.14
C SER A 149 -7.81 3.03 1.49
N THR A 150 -7.52 1.88 2.08
CA THR A 150 -7.95 0.63 1.50
C THR A 150 -8.54 -0.26 2.59
N THR A 151 -9.56 -1.03 2.22
CA THR A 151 -10.16 -1.98 3.14
C THR A 151 -10.51 -3.23 2.35
N ALA A 152 -10.74 -4.31 3.10
CA ALA A 152 -11.12 -5.58 2.51
C ALA A 152 -12.39 -6.08 3.17
N VAL A 153 -13.27 -6.67 2.37
CA VAL A 153 -14.41 -7.43 2.85
C VAL A 153 -14.19 -8.87 2.43
N VAL A 154 -14.17 -9.77 3.41
CA VAL A 154 -13.88 -11.18 3.18
C VAL A 154 -15.12 -11.96 3.60
N THR A 155 -15.66 -12.75 2.68
CA THR A 155 -16.89 -13.50 2.93
C THR A 155 -16.70 -14.97 2.60
N ASN A 156 -17.46 -15.81 3.31
CA ASN A 156 -17.39 -17.25 3.10
C ASN A 156 -18.55 -17.68 2.18
N CYS B 42 14.85 16.40 9.71
CA CYS B 42 14.23 15.10 9.47
C CYS B 42 13.69 14.99 8.04
N PRO B 43 14.55 14.53 7.13
CA PRO B 43 14.10 14.36 5.74
C PRO B 43 12.97 13.34 5.57
N LEU B 44 12.92 12.30 6.40
CA LEU B 44 11.91 11.25 6.26
C LEU B 44 11.52 10.79 7.65
N MET B 45 10.22 10.92 7.96
CA MET B 45 9.69 10.44 9.23
C MET B 45 8.41 9.65 8.93
N VAL B 46 8.17 8.61 9.72
CA VAL B 46 6.97 7.79 9.57
C VAL B 46 6.24 7.76 10.91
N LYS B 47 4.94 8.02 10.88
CA LYS B 47 4.10 8.02 12.08
C LYS B 47 2.99 7.02 11.88
N VAL B 48 2.77 6.15 12.88
CA VAL B 48 1.81 5.05 12.77
C VAL B 48 0.84 5.11 13.94
N LEU B 49 -0.45 5.05 13.63
CA LEU B 49 -1.54 5.13 14.61
C LEU B 49 -2.39 3.87 14.55
N ASP B 50 -2.96 3.51 15.70
CA ASP B 50 -3.81 2.34 15.85
C ASP B 50 -5.26 2.84 15.96
N ALA B 51 -6.07 2.53 14.94
CA ALA B 51 -7.45 2.97 14.86
C ALA B 51 -8.40 2.14 15.73
N VAL B 52 -7.94 1.01 16.25
CA VAL B 52 -8.77 0.15 17.07
C VAL B 52 -8.68 0.54 18.54
N ARG B 53 -7.47 0.81 19.01
CA ARG B 53 -7.22 1.13 20.41
C ARG B 53 -7.11 2.62 20.68
N GLY B 54 -7.01 3.47 19.67
CA GLY B 54 -6.91 4.90 19.88
C GLY B 54 -5.59 5.30 20.49
N SER B 55 -4.50 4.84 19.90
CA SER B 55 -3.18 4.99 20.50
C SER B 55 -2.16 5.06 19.37
N PRO B 56 -0.96 5.59 19.65
CA PRO B 56 0.14 5.36 18.72
C PRO B 56 0.38 3.86 18.58
N ALA B 57 0.87 3.46 17.41
CA ALA B 57 1.26 2.07 17.19
C ALA B 57 2.75 1.97 17.48
N ILE B 58 3.08 1.35 18.60
CA ILE B 58 4.43 1.33 19.16
C ILE B 58 5.12 0.04 18.72
N ASN B 59 6.44 0.13 18.50
CA ASN B 59 7.25 -1.04 18.16
C ASN B 59 6.88 -1.65 16.82
N VAL B 60 6.42 -0.83 15.88
CA VAL B 60 6.09 -1.31 14.55
C VAL B 60 7.35 -1.24 13.70
N ALA B 61 7.77 -2.38 13.17
CA ALA B 61 8.97 -2.47 12.35
C ALA B 61 8.69 -2.09 10.91
N MET B 62 9.67 -1.46 10.26
CA MET B 62 9.55 -1.17 8.84
C MET B 62 10.93 -1.09 8.21
N HIS B 63 10.97 -1.39 6.91
CA HIS B 63 12.16 -1.22 6.09
C HIS B 63 11.83 -0.25 4.96
N VAL B 64 12.83 0.51 4.55
CA VAL B 64 12.72 1.44 3.44
C VAL B 64 13.68 0.95 2.35
N PHE B 65 13.18 0.89 1.12
CA PHE B 65 13.98 0.48 -0.04
C PHE B 65 13.96 1.60 -1.07
N ARG B 66 14.96 1.58 -1.95
CA ARG B 66 15.05 2.51 -3.06
C ARG B 66 15.21 1.71 -4.34
N LYS B 67 14.44 2.05 -5.37
CA LYS B 67 14.46 1.28 -6.60
C LYS B 67 15.79 1.49 -7.32
N ALA B 68 16.44 0.38 -7.68
CA ALA B 68 17.72 0.43 -8.38
C ALA B 68 17.51 0.46 -9.89
N ALA B 69 18.62 0.63 -10.62
CA ALA B 69 18.55 0.75 -12.07
C ALA B 69 17.96 -0.48 -12.73
N ASP B 70 18.17 -1.66 -12.15
CA ASP B 70 17.62 -2.90 -12.71
C ASP B 70 16.20 -3.19 -12.21
N ASP B 71 15.52 -2.18 -11.66
CA ASP B 71 14.16 -2.27 -11.12
C ASP B 71 14.03 -3.17 -9.90
N THR B 72 15.14 -3.54 -9.26
CA THR B 72 15.06 -4.23 -7.99
C THR B 72 15.04 -3.23 -6.84
N TRP B 73 14.64 -3.71 -5.67
CA TRP B 73 14.55 -2.87 -4.49
C TRP B 73 15.81 -3.00 -3.65
N GLU B 74 16.56 -1.88 -3.53
CA GLU B 74 17.82 -1.82 -2.78
C GLU B 74 17.53 -1.38 -1.35
N PRO B 75 18.12 -2.05 -0.36
CA PRO B 75 17.94 -1.61 1.04
C PRO B 75 18.40 -0.17 1.22
N PHE B 76 17.60 0.62 1.96
CA PHE B 76 17.94 2.02 2.16
C PHE B 76 17.94 2.47 3.61
N ALA B 77 16.95 2.07 4.41
CA ALA B 77 16.84 2.50 5.80
C ALA B 77 15.91 1.54 6.52
N SER B 78 15.86 1.66 7.85
CA SER B 78 15.06 0.71 8.63
C SER B 78 14.89 1.26 10.05
N GLY B 79 13.87 0.75 10.74
CA GLY B 79 13.74 1.02 12.16
C GLY B 79 12.38 0.56 12.68
N LYS B 80 12.09 0.92 13.92
CA LYS B 80 10.77 0.64 14.49
C LYS B 80 10.24 1.87 15.22
N THR B 81 8.92 1.97 15.28
CA THR B 81 8.32 3.16 15.87
C THR B 81 8.56 3.21 17.39
N SER B 82 8.69 4.44 17.88
CA SER B 82 8.89 4.73 19.29
C SER B 82 7.56 4.64 20.05
N GLU B 83 7.60 4.99 21.34
CA GLU B 83 6.38 5.03 22.15
C GLU B 83 5.40 6.10 21.68
N SER B 84 5.84 7.05 20.86
CA SER B 84 4.94 8.02 20.25
C SER B 84 4.40 7.55 18.90
N GLY B 85 4.72 6.32 18.49
CA GLY B 85 4.34 5.86 17.18
C GLY B 85 5.16 6.44 16.04
N GLU B 86 6.29 7.07 16.32
CA GLU B 86 7.06 7.75 15.29
C GLU B 86 8.41 7.08 15.08
N LEU B 87 8.88 7.12 13.84
CA LEU B 87 10.22 6.67 13.50
C LEU B 87 10.93 7.83 12.81
N HIS B 88 11.92 8.39 13.49
CA HIS B 88 12.77 9.47 13.03
C HIS B 88 14.16 8.92 12.73
N GLY B 89 14.99 9.75 12.09
CA GLY B 89 16.38 9.38 11.91
C GLY B 89 16.64 8.32 10.84
N LEU B 90 15.70 8.12 9.92
CA LEU B 90 15.87 7.12 8.87
C LEU B 90 17.00 7.46 7.93
N THR B 91 17.16 8.74 7.58
CA THR B 91 18.15 9.14 6.59
C THR B 91 18.64 10.55 6.89
N THR B 92 19.55 11.04 6.06
CA THR B 92 20.05 12.40 6.13
C THR B 92 19.74 13.07 4.80
N GLU B 93 19.76 14.40 4.79
CA GLU B 93 19.45 15.12 3.55
C GLU B 93 20.40 14.71 2.43
N GLU B 94 21.69 14.57 2.73
CA GLU B 94 22.69 14.27 1.72
C GLU B 94 22.46 12.91 1.07
N GLU B 95 22.03 11.93 1.86
CA GLU B 95 21.85 10.56 1.37
C GLU B 95 20.53 10.37 0.64
N PHE B 96 19.55 11.22 0.90
CA PHE B 96 18.17 11.06 0.45
C PHE B 96 18.03 11.85 -0.85
N VAL B 97 18.33 11.21 -1.97
CA VAL B 97 18.31 11.86 -3.27
C VAL B 97 17.14 11.35 -4.09
N GLU B 98 17.01 11.84 -5.32
CA GLU B 98 15.92 11.43 -6.19
C GLU B 98 15.89 9.91 -6.33
N GLY B 99 14.69 9.35 -6.22
CA GLY B 99 14.48 7.94 -6.41
C GLY B 99 13.04 7.61 -6.15
N ILE B 100 12.70 6.37 -6.45
CA ILE B 100 11.43 5.78 -6.04
C ILE B 100 11.72 4.99 -4.77
N TYR B 101 11.00 5.32 -3.70
CA TYR B 101 11.21 4.72 -2.39
C TYR B 101 9.98 3.91 -2.01
N LYS B 102 10.21 2.83 -1.27
CA LYS B 102 9.14 1.99 -0.76
C LYS B 102 9.35 1.82 0.74
N VAL B 103 8.35 2.22 1.52
CA VAL B 103 8.31 1.95 2.96
C VAL B 103 7.41 0.74 3.16
N GLU B 104 7.99 -0.33 3.70
CA GLU B 104 7.26 -1.57 3.94
C GLU B 104 7.09 -1.73 5.43
N ILE B 105 5.86 -1.58 5.92
CA ILE B 105 5.55 -1.54 7.34
C ILE B 105 4.98 -2.89 7.75
N ASP B 106 5.59 -3.53 8.75
CA ASP B 106 5.14 -4.87 9.16
C ASP B 106 3.95 -4.74 10.10
N THR B 107 2.79 -4.50 9.49
CA THR B 107 1.55 -4.39 10.23
C THR B 107 1.05 -5.75 10.74
N LYS B 108 1.39 -6.83 10.03
CA LYS B 108 0.89 -8.14 10.42
C LYS B 108 1.42 -8.54 11.80
N SER B 109 2.72 -8.31 12.03
CA SER B 109 3.30 -8.62 13.34
C SER B 109 2.65 -7.79 14.44
N TYR B 110 2.32 -6.53 14.13
CA TYR B 110 1.67 -5.68 15.12
C TYR B 110 0.33 -6.27 15.57
N TRP B 111 -0.52 -6.64 14.61
CA TRP B 111 -1.84 -7.18 14.96
C TRP B 111 -1.71 -8.55 15.63
N LYS B 112 -0.78 -9.38 15.17
CA LYS B 112 -0.62 -10.69 15.76
C LYS B 112 -0.21 -10.59 17.23
N ALA B 113 0.58 -9.59 17.59
CA ALA B 113 0.94 -9.38 18.99
C ALA B 113 -0.27 -9.06 19.85
N LEU B 114 -1.34 -8.53 19.25
CA LEU B 114 -2.59 -8.25 19.94
C LEU B 114 -3.60 -9.39 19.77
N GLY B 115 -3.17 -10.54 19.24
CA GLY B 115 -4.06 -11.67 19.09
C GLY B 115 -5.13 -11.46 18.03
N ILE B 116 -4.87 -10.61 17.04
CA ILE B 116 -5.82 -10.27 16.00
C ILE B 116 -5.27 -10.73 14.67
N SER B 117 -6.08 -11.46 13.89
CA SER B 117 -5.65 -11.94 12.59
C SER B 117 -5.95 -10.87 11.54
N PRO B 118 -4.95 -10.19 11.01
CA PRO B 118 -5.22 -9.07 10.10
C PRO B 118 -5.28 -9.53 8.65
N PHE B 119 -5.73 -8.61 7.80
CA PHE B 119 -5.84 -8.91 6.38
C PHE B 119 -4.51 -8.81 5.66
N HIS B 120 -3.77 -7.72 5.87
CA HIS B 120 -2.61 -7.42 5.06
C HIS B 120 -1.35 -8.12 5.57
N GLU B 121 -0.49 -8.51 4.64
CA GLU B 121 0.85 -8.97 5.03
C GLU B 121 1.69 -7.82 5.57
N HIS B 122 1.55 -6.65 4.97
CA HIS B 122 2.26 -5.46 5.40
C HIS B 122 1.55 -4.29 4.72
N ALA B 123 1.89 -3.08 5.13
CA ALA B 123 1.44 -1.87 4.46
C ALA B 123 2.62 -1.29 3.71
N GLU B 124 2.44 -1.02 2.43
CA GLU B 124 3.52 -0.47 1.63
C GLU B 124 3.12 0.93 1.17
N VAL B 125 4.13 1.80 1.10
CA VAL B 125 3.96 3.17 0.64
C VAL B 125 5.07 3.40 -0.37
N VAL B 126 4.72 3.57 -1.64
CA VAL B 126 5.69 3.69 -2.73
C VAL B 126 5.53 5.06 -3.36
N PHE B 127 6.62 5.83 -3.43
CA PHE B 127 6.56 7.21 -3.87
C PHE B 127 7.89 7.66 -4.46
N THR B 128 7.84 8.59 -5.41
CA THR B 128 9.04 9.29 -5.84
C THR B 128 9.34 10.41 -4.86
N ALA B 129 10.60 10.55 -4.50
CA ALA B 129 11.05 11.59 -3.59
C ALA B 129 12.23 12.33 -4.18
N ASN B 130 12.30 13.63 -3.86
CA ASN B 130 13.43 14.51 -4.14
C ASN B 130 13.65 14.77 -5.62
N ASP B 131 12.63 14.56 -6.46
CA ASP B 131 12.81 14.79 -7.88
C ASP B 131 12.94 16.27 -8.21
N SER B 132 12.46 17.16 -7.36
CA SER B 132 12.68 18.59 -7.49
C SER B 132 13.65 19.10 -6.43
N GLY B 133 14.61 18.28 -6.04
CA GLY B 133 15.52 18.60 -4.97
C GLY B 133 14.95 18.21 -3.62
N PRO B 134 15.73 18.42 -2.56
CA PRO B 134 15.31 17.98 -1.23
C PRO B 134 13.93 18.46 -0.83
N ARG B 135 13.17 17.57 -0.21
CA ARG B 135 11.98 17.91 0.54
C ARG B 135 12.00 17.12 1.83
N ARG B 136 11.18 17.54 2.79
CA ARG B 136 10.97 16.80 4.02
C ARG B 136 9.65 16.06 3.89
N TYR B 137 9.67 14.77 4.21
CA TYR B 137 8.52 13.89 4.02
C TYR B 137 8.08 13.30 5.35
N THR B 138 6.80 13.43 5.67
CA THR B 138 6.19 12.70 6.77
C THR B 138 5.15 11.76 6.18
N ILE B 139 5.32 10.47 6.43
CA ILE B 139 4.38 9.44 6.00
C ILE B 139 3.60 9.04 7.24
N ALA B 140 2.27 9.16 7.18
CA ALA B 140 1.42 8.74 8.28
C ALA B 140 0.59 7.55 7.83
N ALA B 141 0.44 6.56 8.72
CA ALA B 141 -0.37 5.37 8.45
C ALA B 141 -1.30 5.14 9.63
N LEU B 142 -2.58 4.95 9.34
CA LEU B 142 -3.61 4.66 10.34
C LEU B 142 -4.05 3.22 10.12
N LEU B 143 -3.89 2.37 11.12
CA LEU B 143 -4.02 0.92 10.97
C LEU B 143 -5.29 0.38 11.62
N SER B 144 -5.99 -0.50 10.90
CA SER B 144 -7.02 -1.38 11.41
C SER B 144 -6.75 -2.79 10.90
N PRO B 145 -7.36 -3.80 11.51
CA PRO B 145 -7.06 -5.18 11.06
C PRO B 145 -7.32 -5.43 9.57
N TYR B 146 -8.39 -4.88 9.01
CA TYR B 146 -8.70 -5.11 7.61
C TYR B 146 -8.55 -3.87 6.75
N SER B 147 -7.91 -2.82 7.25
CA SER B 147 -7.85 -1.58 6.50
C SER B 147 -6.62 -0.79 6.92
N TYR B 148 -6.07 -0.04 5.99
CA TYR B 148 -5.13 1.01 6.37
C TYR B 148 -5.30 2.22 5.47
N SER B 149 -5.00 3.37 6.04
CA SER B 149 -5.09 4.66 5.37
C SER B 149 -3.73 5.31 5.52
N THR B 150 -3.23 5.88 4.44
CA THR B 150 -1.94 6.54 4.50
C THR B 150 -2.00 7.88 3.80
N THR B 151 -1.28 8.85 4.34
CA THR B 151 -1.17 10.16 3.73
C THR B 151 0.28 10.63 3.87
N ALA B 152 0.62 11.64 3.08
CA ALA B 152 1.95 12.24 3.11
C ALA B 152 1.82 13.73 3.35
N VAL B 153 2.74 14.26 4.14
CA VAL B 153 2.96 15.70 4.28
C VAL B 153 4.35 15.98 3.73
N VAL B 154 4.41 16.82 2.70
CA VAL B 154 5.67 17.14 2.03
C VAL B 154 5.91 18.63 2.17
N THR B 155 7.07 18.99 2.72
CA THR B 155 7.39 20.39 2.98
C THR B 155 8.72 20.75 2.37
N ASN B 156 8.82 21.97 1.84
CA ASN B 156 10.05 22.42 1.21
C ASN B 156 11.00 22.97 2.27
CAA 3RL C . -19.85 3.44 -3.19
OAM 3RL C . -20.00 2.02 -3.00
CAR 3RL C . -18.96 1.50 -2.30
CAJ 3RL C . -18.17 2.31 -1.47
CAL 3RL C . -18.66 0.15 -2.40
CAS 3RL C . -17.59 -0.40 -1.69
OAN 3RL C . -17.29 -1.72 -1.77
CAB 3RL C . -18.28 -2.47 -2.48
CAK 3RL C . -16.83 0.43 -0.86
CAQ 3RL C . -17.12 1.78 -0.75
CAE 3RL C . -16.35 2.61 0.06
CAD 3RL C . -14.99 2.03 0.48
CAP 3RL C . -14.20 2.85 1.28
CAH 3RL C . -12.82 2.62 1.33
CAF 3RL C . -12.00 3.41 2.12
CAO 3RL C . -12.55 4.46 2.86
OAC 3RL C . -11.75 5.25 3.63
CAG 3RL C . -13.92 4.69 2.80
CAI 3RL C . -14.74 3.89 2.02
NA NA D . -4.62 -23.84 5.60
CAA 3RL E . -1.30 13.85 15.86
OAM 3RL E . -1.79 12.77 15.05
CAR 3RL E . -1.29 12.79 13.79
CAJ 3RL E . -1.98 12.10 12.79
CAL 3RL E . -0.13 13.46 13.47
CAS 3RL E . 0.35 13.47 12.16
OAN 3RL E . 1.50 14.14 11.88
CAB 3RL E . 1.71 14.31 10.47
CAK 3RL E . -0.33 12.78 11.16
CAQ 3RL E . -1.51 12.10 11.48
CAE 3RL E . -2.23 11.40 10.51
CAD 3RL E . -3.68 11.16 10.91
CAP 3RL E . -4.50 10.46 10.01
CAH 3RL E . -5.87 10.54 10.18
CAF 3RL E . -6.74 9.85 9.32
CAO 3RL E . -6.20 9.09 8.29
OAC 3RL E . -7.03 8.42 7.45
CAG 3RL E . -4.81 9.01 8.13
CAI 3RL E . -3.97 9.69 8.99
CAA 3RL F . -11.85 0.03 22.13
OAM 3RL F . -10.49 -0.18 22.52
CAR 3RL F . -10.08 -1.41 22.08
CAJ 3RL F . -8.96 -1.99 22.64
CAL 3RL F . -10.79 -2.07 21.09
CAS 3RL F . -10.38 -3.32 20.66
OAN 3RL F . -11.11 -3.92 19.68
CAB 3RL F . -10.67 -5.25 19.40
CAK 3RL F . -9.23 -3.91 21.21
CAQ 3RL F . -8.53 -3.24 22.21
CAE 3RL F . -7.38 -3.75 22.82
CAD 3RL F . -6.95 -5.17 22.43
CAP 3RL F . -5.78 -5.59 23.07
CAH 3RL F . -5.32 -6.89 22.85
CAF 3RL F . -4.16 -7.34 23.47
CAO 3RL F . -3.44 -6.48 24.30
OAC 3RL F . -2.30 -6.94 24.90
CAG 3RL F . -3.89 -5.18 24.52
CAI 3RL F . -5.06 -4.74 23.90
#